data_9ASY
#
_entry.id   9ASY
#
_cell.length_a   55.312
_cell.length_b   98.403
_cell.length_c   58.498
_cell.angle_alpha   90.00
_cell.angle_beta   107.60
_cell.angle_gamma   90.00
#
_symmetry.space_group_name_H-M   'P 1 21 1'
#
loop_
_entity.id
_entity.type
_entity.pdbx_description
1 polymer '3C-like proteinase nsp5'
2 non-polymer '(1R,2S)-2-({N-[({(2S)-1-[(3-chlorophenyl)methyl]-5-oxopyrrolidin-2-yl}methoxy)carbonyl]-L-leucyl}amino)-1-hydroxy-3-[(3S)-2-oxopyrrolidin-3-yl]propane-1-sulfonic acid'
3 non-polymer '(1S,2S)-2-({N-[({(2S)-1-[(3-chlorophenyl)methyl]-5-oxopyrrolidin-2-yl}methoxy)carbonyl]-L-leucyl}amino)-1-hydroxy-3-[(3S)-2-oxopyrrolidin-3-yl]propane-1-sulfonic acid'
4 non-polymer 'TETRAETHYLENE GLYCOL'
5 non-polymer 'PHOSPHATE ION'
6 water water
#
_entity_poly.entity_id   1
_entity_poly.type   'polypeptide(L)'
_entity_poly.pdbx_seq_one_letter_code
;SNIGSGFRKMAFPSGKVEGCMVQVTCGTTTLNGLWLDDVVYCPRHVICTSEDMLNPNYEDLLIRKSNHNFLVQAGNVQLR
VIGHSMQNCVLKLKVDTANPKTPKYKFVRIQPGQTFSVLACYNGSPSGVYQCAMRPNFTIKGSFLNGSCGSVGFNIDYDC
VSFCYMHHMELPTGVHAGTDLEGNFYGPFVDRQTAQAAGTDTTITVNVLAWLYAAVINGDRWFLNRFTTTLNDFNLVAMK
YNYEPLTQDHVDILGPLSAQTGIAVLDMCASLKELLQNGMNGRTILGSALLEDEFTPFDVVRQCSGVT
;
_entity_poly.pdbx_strand_id   A,B
#
# COMPACT_ATOMS: atom_id res chain seq x y z
N PHE A 7 -7.05 -5.52 8.96
CA PHE A 7 -5.93 -4.58 8.76
C PHE A 7 -5.22 -4.81 7.43
N ARG A 8 -5.11 -3.75 6.62
CA ARG A 8 -4.32 -3.71 5.39
C ARG A 8 -3.04 -2.90 5.60
N LYS A 9 -1.95 -3.29 4.93
CA LYS A 9 -0.85 -2.36 4.72
C LYS A 9 -1.35 -1.24 3.78
N MET A 10 -1.27 0.00 4.23
CA MET A 10 -1.83 1.15 3.54
C MET A 10 -0.73 2.18 3.36
N ALA A 11 -0.45 2.58 2.12
CA ALA A 11 0.55 3.61 1.87
C ALA A 11 -0.11 4.98 1.94
N PHE A 12 0.71 6.00 2.12
CA PHE A 12 0.21 7.37 1.95
C PHE A 12 -0.02 7.64 0.46
N PRO A 13 -0.93 8.55 0.15
CA PRO A 13 -1.09 8.96 -1.25
C PRO A 13 0.21 9.56 -1.76
N SER A 14 0.57 9.18 -2.97
CA SER A 14 1.93 9.40 -3.46
C SER A 14 2.08 10.67 -4.28
N GLY A 15 1.00 11.42 -4.53
CA GLY A 15 1.07 12.46 -5.54
C GLY A 15 2.06 13.55 -5.21
N LYS A 16 2.15 13.92 -3.93
CA LYS A 16 3.10 14.95 -3.52
C LYS A 16 4.55 14.52 -3.77
N VAL A 17 4.84 13.23 -3.75
CA VAL A 17 6.19 12.73 -4.01
C VAL A 17 6.39 12.50 -5.51
N GLU A 18 5.32 12.07 -6.22
CA GLU A 18 5.42 11.93 -7.66
C GLU A 18 5.86 13.23 -8.30
N GLY A 19 5.39 14.35 -7.76
CA GLY A 19 5.69 15.65 -8.30
C GLY A 19 7.12 16.10 -8.04
N CYS A 20 7.92 15.29 -7.36
CA CYS A 20 9.30 15.60 -7.05
C CYS A 20 10.27 14.63 -7.70
N MET A 21 9.79 13.65 -8.43
CA MET A 21 10.67 12.60 -8.93
C MET A 21 11.27 13.04 -10.25
N VAL A 22 12.58 12.91 -10.37
CA VAL A 22 13.32 13.15 -11.60
C VAL A 22 14.27 11.98 -11.87
N GLN A 23 14.93 12.03 -13.03
CA GLN A 23 16.00 11.11 -13.29
C GLN A 23 17.32 11.86 -13.39
N VAL A 24 18.38 11.18 -12.97
CA VAL A 24 19.73 11.68 -12.99
C VAL A 24 20.61 10.66 -13.69
N THR A 25 21.35 11.13 -14.70
CA THR A 25 22.18 10.25 -15.52
C THR A 25 23.60 10.79 -15.53
N CYS A 26 24.54 9.88 -15.35
CA CYS A 26 25.95 10.07 -15.65
C CYS A 26 26.33 9.01 -16.67
N GLY A 27 26.77 9.45 -17.86
CA GLY A 27 27.06 8.52 -18.94
C GLY A 27 25.85 7.72 -19.35
N THR A 28 25.88 6.41 -19.14
CA THR A 28 24.71 5.57 -19.38
C THR A 28 24.00 5.16 -18.09
N THR A 29 24.54 5.51 -16.92
CA THR A 29 23.98 5.12 -15.64
C THR A 29 22.89 6.10 -15.23
N THR A 30 21.65 5.63 -15.08
CA THR A 30 20.53 6.49 -14.77
C THR A 30 19.88 5.96 -13.50
N LEU A 31 19.65 6.85 -12.54
CA LEU A 31 18.83 6.48 -11.39
C LEU A 31 17.88 7.64 -11.12
N ASN A 32 17.11 7.50 -10.07
CA ASN A 32 16.10 8.50 -9.72
C ASN A 32 16.68 9.54 -8.77
N GLY A 33 16.13 10.75 -8.90
CA GLY A 33 16.43 11.83 -7.97
C GLY A 33 15.19 12.48 -7.41
N LEU A 34 15.39 13.22 -6.34
CA LEU A 34 14.31 13.91 -5.64
C LEU A 34 14.54 15.40 -5.79
N TRP A 35 13.57 16.12 -6.36
CA TRP A 35 13.70 17.53 -6.74
C TRP A 35 12.84 18.35 -5.80
N LEU A 36 13.49 19.12 -4.92
CA LEU A 36 12.82 19.93 -3.91
C LEU A 36 13.42 21.32 -3.98
N ASP A 37 12.59 22.33 -4.16
CA ASP A 37 13.10 23.68 -4.39
C ASP A 37 14.11 23.57 -5.54
N ASP A 38 15.31 24.13 -5.42
CA ASP A 38 16.26 24.11 -6.53
C ASP A 38 17.41 23.12 -6.31
N VAL A 39 17.17 22.03 -5.60
CA VAL A 39 18.15 20.98 -5.39
C VAL A 39 17.55 19.65 -5.79
N VAL A 40 18.39 18.83 -6.42
CA VAL A 40 18.08 17.44 -6.71
C VAL A 40 18.99 16.55 -5.86
N TYR A 41 18.38 15.62 -5.12
CA TYR A 41 19.07 14.69 -4.25
C TYR A 41 19.05 13.30 -4.89
N CYS A 42 20.20 12.60 -4.93
CA CYS A 42 20.21 11.25 -5.47
C CYS A 42 21.39 10.47 -4.89
N PRO A 43 21.43 9.16 -5.11
CA PRO A 43 22.54 8.36 -4.58
C PRO A 43 23.82 8.77 -5.27
N ARG A 44 24.88 8.97 -4.48
CA ARG A 44 26.16 9.35 -5.08
C ARG A 44 26.73 8.30 -6.02
N HIS A 45 26.30 7.04 -5.96
CA HIS A 45 26.92 6.07 -6.87
C HIS A 45 26.47 6.23 -8.33
N VAL A 46 25.64 7.22 -8.63
CA VAL A 46 25.37 7.57 -10.02
C VAL A 46 26.66 7.96 -10.72
N ILE A 47 27.67 8.43 -9.96
CA ILE A 47 28.90 8.85 -10.63
C ILE A 47 29.86 7.70 -10.89
N CYS A 48 29.47 6.53 -10.42
CA CYS A 48 30.39 5.39 -10.51
C CYS A 48 30.28 4.60 -11.81
N THR A 49 31.42 4.31 -12.44
CA THR A 49 31.51 3.33 -13.50
C THR A 49 31.39 1.92 -12.90
N SER A 50 31.44 0.90 -13.77
CA SER A 50 31.47 -0.48 -13.28
C SER A 50 32.73 -0.73 -12.45
N GLU A 51 33.90 -0.43 -13.02
CA GLU A 51 35.15 -0.65 -12.30
C GLU A 51 35.18 0.14 -11.01
N ASP A 52 34.59 1.35 -11.01
CA ASP A 52 34.61 2.20 -9.82
C ASP A 52 33.78 1.61 -8.67
N MET A 53 32.85 0.70 -8.97
CA MET A 53 31.88 0.26 -7.96
C MET A 53 32.42 -0.75 -6.97
N LEU A 54 33.59 -1.39 -7.22
CA LEU A 54 34.12 -2.36 -6.27
C LEU A 54 34.56 -1.68 -4.99
N ASN A 55 35.35 -0.62 -5.10
CA ASN A 55 35.74 0.19 -3.95
C ASN A 55 35.99 1.60 -4.44
N PRO A 56 34.93 2.36 -4.70
CA PRO A 56 35.08 3.65 -5.35
C PRO A 56 35.77 4.63 -4.43
N ASN A 57 36.54 5.54 -5.03
CA ASN A 57 37.02 6.72 -4.33
C ASN A 57 36.08 7.85 -4.73
N TYR A 58 35.01 8.03 -3.97
CA TYR A 58 33.96 8.95 -4.37
C TYR A 58 34.47 10.38 -4.44
N GLU A 59 35.34 10.75 -3.52
CA GLU A 59 35.85 12.12 -3.51
C GLU A 59 36.67 12.40 -4.77
N ASP A 60 37.47 11.42 -5.20
CA ASP A 60 38.26 11.59 -6.41
C ASP A 60 37.36 11.54 -7.65
N LEU A 61 36.38 10.63 -7.67
CA LEU A 61 35.45 10.59 -8.79
C LEU A 61 34.69 11.90 -8.93
N LEU A 62 34.24 12.47 -7.82
CA LEU A 62 33.47 13.71 -7.89
C LEU A 62 34.34 14.90 -8.33
N ILE A 63 35.63 14.90 -7.99
CA ILE A 63 36.48 16.02 -8.38
C ILE A 63 36.59 16.10 -9.90
N ARG A 64 36.61 14.94 -10.55
CA ARG A 64 36.68 14.89 -12.00
C ARG A 64 35.36 15.32 -12.65
N LYS A 65 34.27 15.35 -11.90
CA LYS A 65 32.97 15.71 -12.45
C LYS A 65 32.78 17.22 -12.50
N SER A 66 32.16 17.69 -13.58
CA SER A 66 31.67 19.06 -13.67
C SER A 66 30.15 19.04 -13.72
N ASN A 67 29.55 20.22 -13.50
CA ASN A 67 28.10 20.28 -13.57
C ASN A 67 27.60 19.78 -14.91
N HIS A 68 28.31 20.11 -15.99
CA HIS A 68 27.82 19.73 -17.31
C HIS A 68 27.94 18.23 -17.61
N ASN A 69 28.52 17.43 -16.72
CA ASN A 69 28.51 15.98 -16.86
C ASN A 69 27.22 15.31 -16.31
N PHE A 70 26.35 16.06 -15.65
CA PHE A 70 25.12 15.54 -15.04
C PHE A 70 23.90 15.92 -15.86
N LEU A 71 23.15 14.91 -16.29
CA LEU A 71 21.88 15.07 -16.97
C LEU A 71 20.76 14.84 -15.95
N VAL A 72 19.96 15.86 -15.71
CA VAL A 72 18.80 15.76 -14.84
C VAL A 72 17.58 16.05 -15.69
N GLN A 73 16.59 15.19 -15.62
CA GLN A 73 15.40 15.33 -16.46
C GLN A 73 14.15 15.10 -15.63
N ALA A 74 13.16 15.96 -15.79
CA ALA A 74 11.81 15.71 -15.30
C ALA A 74 11.01 15.31 -16.53
N GLY A 75 10.67 14.04 -16.64
CA GLY A 75 10.16 13.59 -17.92
C GLY A 75 11.25 13.69 -18.95
N ASN A 76 10.94 14.31 -20.09
CA ASN A 76 11.91 14.57 -21.15
C ASN A 76 12.52 15.96 -21.07
N VAL A 77 12.18 16.74 -20.06
CA VAL A 77 12.59 18.14 -19.96
C VAL A 77 13.87 18.21 -19.14
N GLN A 78 14.94 18.74 -19.72
CA GLN A 78 16.19 18.84 -18.98
C GLN A 78 16.15 19.97 -17.97
N LEU A 79 16.72 19.71 -16.78
CA LEU A 79 16.97 20.70 -15.73
C LEU A 79 18.46 20.96 -15.65
N ARG A 80 18.89 22.19 -15.87
CA ARG A 80 20.33 22.47 -15.94
C ARG A 80 20.92 22.47 -14.54
N VAL A 81 22.00 21.68 -14.37
CA VAL A 81 22.76 21.67 -13.13
C VAL A 81 23.69 22.88 -13.08
N ILE A 82 23.69 23.58 -11.95
CA ILE A 82 24.52 24.77 -11.73
C ILE A 82 25.43 24.64 -10.51
N GLY A 83 25.42 23.50 -9.83
CA GLY A 83 26.31 23.25 -8.73
C GLY A 83 26.16 21.81 -8.32
N HIS A 84 27.22 21.26 -7.73
CA HIS A 84 27.17 19.89 -7.22
C HIS A 84 27.97 19.78 -5.94
N SER A 85 27.48 18.94 -5.03
CA SER A 85 28.21 18.61 -3.80
C SER A 85 27.79 17.25 -3.30
N MET A 86 28.58 16.70 -2.41
CA MET A 86 28.32 15.38 -1.86
C MET A 86 28.16 15.55 -0.35
N GLN A 87 27.06 14.99 0.19
CA GLN A 87 26.80 14.95 1.63
C GLN A 87 26.67 13.48 2.02
N ASN A 88 27.68 12.95 2.69
CA ASN A 88 27.73 11.51 2.96
C ASN A 88 27.52 10.72 1.67
N CYS A 89 26.52 9.85 1.61
CA CYS A 89 26.31 9.03 0.43
C CYS A 89 25.29 9.63 -0.54
N VAL A 90 24.92 10.88 -0.39
CA VAL A 90 23.98 11.51 -1.33
C VAL A 90 24.68 12.63 -2.08
N LEU A 91 24.35 12.72 -3.35
CA LEU A 91 24.80 13.79 -4.22
C LEU A 91 23.71 14.83 -4.23
N LYS A 92 24.10 16.10 -4.13
CA LYS A 92 23.18 17.22 -4.19
C LYS A 92 23.51 18.06 -5.42
N LEU A 93 22.53 18.18 -6.28
CA LEU A 93 22.74 18.90 -7.53
C LEU A 93 21.89 20.15 -7.47
N LYS A 94 22.55 21.30 -7.48
CA LYS A 94 21.80 22.53 -7.57
C LYS A 94 21.37 22.71 -9.02
N VAL A 95 20.10 23.04 -9.23
CA VAL A 95 19.56 23.22 -10.57
C VAL A 95 18.98 24.64 -10.69
N ASP A 96 18.78 25.07 -11.93
CA ASP A 96 18.42 26.47 -12.19
C ASP A 96 16.93 26.74 -12.11
N THR A 97 16.12 25.78 -11.69
CA THR A 97 14.67 25.89 -11.63
C THR A 97 14.21 25.36 -10.26
N ALA A 98 13.44 26.16 -9.55
CA ALA A 98 12.79 25.66 -8.35
C ALA A 98 11.59 24.82 -8.74
N ASN A 99 11.47 23.63 -8.14
CA ASN A 99 10.33 22.77 -8.47
C ASN A 99 9.02 23.41 -8.05
N PRO A 100 8.16 23.76 -9.02
CA PRO A 100 6.88 24.38 -8.65
C PRO A 100 5.97 23.47 -7.86
N LYS A 101 6.20 22.14 -7.90
CA LYS A 101 5.40 21.18 -7.13
C LYS A 101 6.02 20.80 -5.80
N THR A 102 7.03 21.54 -5.34
CA THR A 102 7.63 21.28 -4.04
C THR A 102 6.57 21.32 -2.95
N PRO A 103 6.37 20.25 -2.21
CA PRO A 103 5.42 20.31 -1.10
C PRO A 103 6.10 20.93 0.10
N LYS A 104 5.30 21.20 1.11
CA LYS A 104 5.90 21.35 2.41
C LYS A 104 6.59 20.05 2.78
N TYR A 105 7.83 20.14 3.29
CA TYR A 105 8.60 18.92 3.55
C TYR A 105 9.60 19.11 4.68
N LYS A 106 10.05 17.95 5.19
CA LYS A 106 11.13 17.83 6.13
C LYS A 106 11.92 16.58 5.77
N PHE A 107 13.15 16.53 6.24
CA PHE A 107 13.98 15.33 6.17
C PHE A 107 14.05 14.73 7.58
N VAL A 108 13.57 13.51 7.76
CA VAL A 108 13.60 12.89 9.08
C VAL A 108 14.34 11.58 8.98
N ARG A 109 15.05 11.24 10.04
CA ARG A 109 15.69 9.93 10.16
C ARG A 109 14.84 9.10 11.11
N ILE A 110 14.24 8.03 10.58
CA ILE A 110 13.34 7.19 11.35
C ILE A 110 14.12 6.19 12.18
N GLN A 111 13.42 5.57 13.11
CA GLN A 111 13.98 4.50 13.90
C GLN A 111 13.54 3.15 13.35
N PRO A 112 14.34 2.11 13.57
CA PRO A 112 13.92 0.75 13.21
C PRO A 112 12.56 0.48 13.82
N GLY A 113 11.73 -0.27 13.07
CA GLY A 113 10.37 -0.57 13.45
C GLY A 113 9.34 0.37 12.86
N GLN A 114 9.74 1.61 12.60
CA GLN A 114 8.85 2.58 11.96
C GLN A 114 8.55 2.19 10.53
N THR A 115 7.37 2.59 10.08
CA THR A 115 6.92 2.30 8.73
C THR A 115 6.93 3.58 7.91
N PHE A 116 6.95 3.38 6.60
CA PHE A 116 6.93 4.48 5.65
C PHE A 116 6.44 3.94 4.31
N SER A 117 6.01 4.85 3.45
CA SER A 117 5.61 4.53 2.09
C SER A 117 6.81 4.66 1.18
N VAL A 118 6.97 3.72 0.25
CA VAL A 118 7.95 3.79 -0.82
C VAL A 118 7.24 4.02 -2.14
N LEU A 119 7.70 5.01 -2.91
CA LEU A 119 7.24 5.19 -4.27
C LEU A 119 8.31 4.61 -5.18
N ALA A 120 8.09 3.37 -5.64
CA ALA A 120 9.11 2.70 -6.45
C ALA A 120 9.11 3.36 -7.82
N CYS A 121 10.30 3.73 -8.29
CA CYS A 121 10.43 4.57 -9.48
C CYS A 121 11.51 4.01 -10.37
N TYR A 122 11.31 4.14 -11.67
CA TYR A 122 12.26 3.70 -12.68
C TYR A 122 12.35 4.81 -13.71
N ASN A 123 13.58 5.24 -14.00
CA ASN A 123 13.83 6.28 -15.00
C ASN A 123 13.01 7.54 -14.71
N GLY A 124 12.85 7.85 -13.42
CA GLY A 124 12.17 9.03 -12.95
C GLY A 124 10.66 8.94 -13.02
N SER A 125 10.13 7.75 -13.32
CA SER A 125 8.70 7.48 -13.48
C SER A 125 8.21 6.52 -12.41
N PRO A 126 7.21 6.90 -11.65
CA PRO A 126 6.73 5.99 -10.61
C PRO A 126 5.99 4.79 -11.18
N SER A 127 6.23 3.64 -10.58
CA SER A 127 5.54 2.40 -10.94
C SER A 127 4.54 1.98 -9.89
N GLY A 128 4.83 2.16 -8.60
CA GLY A 128 3.96 1.65 -7.56
C GLY A 128 4.30 2.24 -6.22
N VAL A 129 3.34 2.11 -5.29
CA VAL A 129 3.53 2.59 -3.93
C VAL A 129 3.09 1.52 -2.96
N TYR A 130 3.89 1.33 -1.91
CA TYR A 130 3.62 0.35 -0.87
C TYR A 130 4.27 0.78 0.43
N GLN A 131 3.78 0.20 1.50
CA GLN A 131 4.27 0.44 2.84
C GLN A 131 5.34 -0.57 3.23
N CYS A 132 6.39 -0.05 3.86
CA CYS A 132 7.51 -0.87 4.33
C CYS A 132 7.80 -0.57 5.80
N ALA A 133 8.11 -1.61 6.57
CA ALA A 133 8.66 -1.44 7.90
C ALA A 133 10.18 -1.59 7.85
N MET A 134 10.85 -0.66 8.49
CA MET A 134 12.31 -0.80 8.64
C MET A 134 12.56 -1.86 9.72
N ARG A 135 13.29 -2.89 9.36
CA ARG A 135 13.58 -3.97 10.29
C ARG A 135 14.58 -3.55 11.37
N PRO A 136 14.58 -4.25 12.51
CA PRO A 136 15.50 -3.91 13.60
C PRO A 136 16.94 -3.93 13.20
N ASN A 137 17.29 -4.64 12.12
CA ASN A 137 18.66 -4.68 11.61
C ASN A 137 18.90 -3.65 10.51
N PHE A 138 17.96 -2.70 10.34
CA PHE A 138 18.08 -1.52 9.47
C PHE A 138 17.94 -1.86 8.01
N THR A 139 17.39 -3.01 7.70
CA THR A 139 17.08 -3.36 6.32
C THR A 139 15.59 -3.22 6.08
N ILE A 140 15.23 -3.12 4.82
CA ILE A 140 13.83 -3.17 4.44
C ILE A 140 13.62 -4.25 3.39
N LYS A 141 12.41 -4.79 3.39
CA LYS A 141 11.94 -5.80 2.42
C LYS A 141 11.07 -5.11 1.40
N GLY A 142 11.68 -4.60 0.35
CA GLY A 142 10.94 -3.88 -0.66
C GLY A 142 10.74 -4.71 -1.91
N SER A 143 10.19 -4.06 -2.91
CA SER A 143 10.22 -4.54 -4.29
C SER A 143 11.02 -3.47 -5.02
N PHE A 144 12.29 -3.77 -5.27
CA PHE A 144 13.23 -2.86 -5.90
C PHE A 144 13.94 -3.62 -7.00
N LEU A 145 13.69 -3.24 -8.23
CA LEU A 145 14.33 -3.84 -9.40
C LEU A 145 15.47 -2.92 -9.83
N ASN A 146 16.23 -3.36 -10.82
CA ASN A 146 17.30 -2.51 -11.33
C ASN A 146 16.74 -1.17 -11.76
N GLY A 147 17.48 -0.11 -11.46
CA GLY A 147 17.03 1.23 -11.78
C GLY A 147 16.19 1.87 -10.71
N SER A 148 15.96 1.17 -9.60
CA SER A 148 15.12 1.68 -8.53
C SER A 148 15.87 2.63 -7.60
N CYS A 149 17.20 2.65 -7.63
CA CYS A 149 17.93 3.54 -6.73
C CYS A 149 17.46 4.98 -6.86
N GLY A 150 17.44 5.65 -5.72
CA GLY A 150 16.94 6.98 -5.64
C GLY A 150 15.46 7.06 -5.40
N SER A 151 14.71 5.97 -5.54
CA SER A 151 13.35 5.92 -5.01
C SER A 151 13.38 6.29 -3.53
N VAL A 152 12.30 6.98 -3.08
CA VAL A 152 12.30 7.44 -1.70
C VAL A 152 11.16 6.84 -0.91
N GLY A 153 11.41 6.81 0.39
CA GLY A 153 10.39 6.49 1.39
C GLY A 153 10.00 7.72 2.19
N PHE A 154 8.75 7.76 2.62
CA PHE A 154 8.21 8.98 3.22
C PHE A 154 6.97 8.68 4.05
N ASN A 155 6.63 9.65 4.90
CA ASN A 155 5.37 9.72 5.58
C ASN A 155 4.80 11.10 5.31
N ILE A 156 3.48 11.23 5.44
CA ILE A 156 2.79 12.48 5.19
C ILE A 156 1.98 12.78 6.44
N ASP A 157 2.23 13.94 7.05
CA ASP A 157 1.47 14.44 8.19
C ASP A 157 0.87 15.79 7.80
N TYR A 158 -0.45 15.85 7.72
CA TYR A 158 -1.18 17.03 7.24
C TYR A 158 -0.81 17.20 5.76
N ASP A 159 -0.24 18.33 5.35
CA ASP A 159 0.24 18.46 3.98
C ASP A 159 1.77 18.47 3.94
N CYS A 160 2.42 17.98 4.99
CA CYS A 160 3.87 18.02 5.09
C CYS A 160 4.44 16.63 4.84
N VAL A 161 5.37 16.52 3.90
CA VAL A 161 5.97 15.26 3.52
C VAL A 161 7.27 15.11 4.28
N SER A 162 7.36 14.08 5.12
CA SER A 162 8.59 13.78 5.84
C SER A 162 9.34 12.70 5.06
N PHE A 163 10.40 13.09 4.36
CA PHE A 163 11.21 12.13 3.61
C PHE A 163 12.20 11.44 4.53
N CYS A 164 12.18 10.10 4.54
CA CYS A 164 13.02 9.35 5.46
C CYS A 164 13.96 8.32 4.85
N TYR A 165 13.82 7.97 3.58
CA TYR A 165 14.60 6.90 2.99
C TYR A 165 14.91 7.22 1.54
N MET A 166 16.13 6.89 1.11
CA MET A 166 16.50 6.86 -0.29
C MET A 166 17.17 5.54 -0.62
N HIS A 167 16.75 4.89 -1.70
CA HIS A 167 17.19 3.53 -1.94
C HIS A 167 18.55 3.48 -2.62
N HIS A 168 19.47 2.57 -2.13
CA HIS A 168 20.82 2.45 -2.67
C HIS A 168 21.22 1.05 -3.10
N MET A 169 20.79 0.00 -2.39
CA MET A 169 21.39 -1.30 -2.64
C MET A 169 20.55 -2.48 -2.17
N GLU A 170 20.90 -3.64 -2.70
CA GLU A 170 20.35 -4.93 -2.26
C GLU A 170 21.43 -5.76 -1.56
N LEU A 171 21.06 -6.50 -0.54
CA LEU A 171 21.98 -7.40 0.15
C LEU A 171 21.83 -8.84 -0.34
N PRO A 172 22.81 -9.70 -0.03
CA PRO A 172 22.77 -11.08 -0.56
C PRO A 172 21.52 -11.86 -0.20
N THR A 173 20.90 -11.58 0.96
CA THR A 173 19.66 -12.24 1.35
C THR A 173 18.44 -11.73 0.60
N GLY A 174 18.59 -10.73 -0.28
CA GLY A 174 17.45 -10.18 -0.98
C GLY A 174 16.80 -8.97 -0.33
N VAL A 175 17.24 -8.58 0.86
CA VAL A 175 16.70 -7.38 1.48
C VAL A 175 17.45 -6.16 0.96
N HIS A 176 17.01 -4.98 1.40
CA HIS A 176 17.44 -3.72 0.80
C HIS A 176 17.96 -2.79 1.88
N ALA A 177 18.84 -1.88 1.46
CA ALA A 177 19.48 -0.91 2.33
C ALA A 177 19.60 0.43 1.60
N GLY A 178 19.60 1.49 2.37
CA GLY A 178 19.74 2.82 1.82
C GLY A 178 19.94 3.80 2.94
N THR A 179 19.68 5.07 2.63
CA THR A 179 20.09 6.15 3.51
C THR A 179 18.90 7.01 3.86
N ASP A 180 19.12 7.90 4.83
CA ASP A 180 18.23 9.02 4.99
C ASP A 180 18.58 10.07 3.93
N LEU A 181 17.86 11.17 3.94
CA LEU A 181 18.05 12.18 2.90
C LEU A 181 19.24 13.08 3.19
N GLU A 182 19.93 12.87 4.30
CA GLU A 182 21.24 13.45 4.56
C GLU A 182 22.36 12.52 4.12
N GLY A 183 22.03 11.39 3.48
CA GLY A 183 23.04 10.48 2.95
C GLY A 183 23.65 9.52 3.93
N ASN A 184 23.15 9.46 5.16
CA ASN A 184 23.69 8.54 6.16
C ASN A 184 22.92 7.23 6.11
N PHE A 185 23.64 6.14 5.88
CA PHE A 185 23.01 4.85 5.78
C PHE A 185 22.27 4.52 7.07
N TYR A 186 21.17 3.80 6.90
CA TYR A 186 20.60 3.04 8.00
C TYR A 186 21.36 1.73 8.08
N GLY A 187 21.96 1.47 9.24
CA GLY A 187 22.71 0.24 9.45
C GLY A 187 24.15 0.28 9.00
N PRO A 188 24.88 -0.81 9.27
CA PRO A 188 26.33 -0.90 9.02
C PRO A 188 26.65 -1.28 7.58
N PHE A 189 26.18 -0.46 6.65
CA PHE A 189 26.35 -0.76 5.23
C PHE A 189 27.09 0.39 4.59
N VAL A 190 27.75 0.09 3.48
CA VAL A 190 28.49 1.06 2.70
C VAL A 190 28.08 0.90 1.25
N ASP A 191 28.19 2.01 0.50
CA ASP A 191 27.80 2.02 -0.94
C ASP A 191 28.94 1.49 -1.81
N ARG A 192 29.40 0.29 -1.54
CA ARG A 192 30.35 -0.44 -2.38
C ARG A 192 29.69 -1.74 -2.83
N GLN A 193 29.97 -2.15 -4.05
CA GLN A 193 29.44 -3.41 -4.55
C GLN A 193 30.25 -4.60 -4.02
N THR A 194 30.47 -4.64 -2.71
CA THR A 194 30.99 -5.81 -2.02
C THR A 194 29.84 -6.51 -1.29
N ALA A 195 30.01 -7.81 -1.02
CA ALA A 195 28.99 -8.55 -0.28
C ALA A 195 28.98 -8.10 1.18
N GLN A 196 27.80 -7.79 1.70
CA GLN A 196 27.65 -7.29 3.06
C GLN A 196 26.51 -8.02 3.73
N ALA A 197 26.62 -8.19 5.04
CA ALA A 197 25.69 -9.02 5.79
C ALA A 197 24.90 -8.14 6.74
N ALA A 198 23.58 -8.35 6.74
CA ALA A 198 22.77 -7.68 7.74
C ALA A 198 22.85 -8.46 9.04
N GLY A 199 22.66 -7.75 10.13
CA GLY A 199 22.52 -8.41 11.41
C GLY A 199 21.36 -9.39 11.38
N THR A 200 21.39 -10.32 12.33
CA THR A 200 20.25 -11.21 12.51
CA THR A 200 20.25 -11.20 12.53
C THR A 200 19.01 -10.36 12.78
N ASP A 201 17.96 -10.60 12.03
CA ASP A 201 16.80 -9.78 12.27
C ASP A 201 16.01 -10.31 13.46
N THR A 202 15.16 -9.43 13.98
CA THR A 202 14.36 -9.74 15.14
C THR A 202 12.96 -9.21 14.91
N THR A 203 12.04 -9.68 15.74
CA THR A 203 10.65 -9.26 15.64
C THR A 203 10.49 -7.88 16.28
N ILE A 204 9.67 -7.03 15.65
CA ILE A 204 9.50 -5.66 16.13
C ILE A 204 8.49 -5.62 17.28
N THR A 205 9.02 -5.72 18.49
CA THR A 205 8.21 -5.85 19.69
C THR A 205 7.18 -4.74 19.83
N VAL A 206 7.58 -3.47 19.61
CA VAL A 206 6.60 -2.39 19.80
C VAL A 206 5.42 -2.52 18.84
N ASN A 207 5.65 -3.03 17.64
CA ASN A 207 4.56 -3.17 16.69
C ASN A 207 3.68 -4.37 17.04
N VAL A 208 4.27 -5.43 17.57
CA VAL A 208 3.44 -6.51 18.07
C VAL A 208 2.56 -6.01 19.19
N LEU A 209 3.10 -5.17 20.07
CA LEU A 209 2.29 -4.63 21.14
C LEU A 209 1.17 -3.77 20.58
N ALA A 210 1.47 -2.95 19.56
CA ALA A 210 0.42 -2.16 18.94
C ALA A 210 -0.69 -3.05 18.43
N TRP A 211 -0.30 -4.17 17.81
CA TRP A 211 -1.23 -5.18 17.28
C TRP A 211 -2.10 -5.79 18.35
N LEU A 212 -1.52 -6.08 19.53
CA LEU A 212 -2.32 -6.52 20.67
C LEU A 212 -3.30 -5.46 21.14
N TYR A 213 -2.87 -4.18 21.22
CA TYR A 213 -3.81 -3.11 21.53
C TYR A 213 -4.92 -3.06 20.49
N ALA A 214 -4.57 -3.19 19.20
CA ALA A 214 -5.59 -3.22 18.15
C ALA A 214 -6.60 -4.35 18.37
N ALA A 215 -6.12 -5.52 18.78
CA ALA A 215 -7.04 -6.63 19.07
C ALA A 215 -7.99 -6.26 20.21
N VAL A 216 -7.44 -5.68 21.27
CA VAL A 216 -8.29 -5.27 22.39
C VAL A 216 -9.34 -4.26 21.91
N ILE A 217 -8.93 -3.26 21.12
CA ILE A 217 -9.86 -2.25 20.64
C ILE A 217 -11.02 -2.91 19.90
N ASN A 218 -10.76 -4.03 19.21
CA ASN A 218 -11.79 -4.71 18.43
C ASN A 218 -12.51 -5.77 19.25
N GLY A 219 -12.28 -5.81 20.56
CA GLY A 219 -12.97 -6.72 21.45
C GLY A 219 -12.36 -8.08 21.63
N ASP A 220 -11.12 -8.28 21.18
CA ASP A 220 -10.46 -9.60 21.20
C ASP A 220 -9.40 -9.55 22.28
N ARG A 221 -9.76 -10.00 23.50
CA ARG A 221 -8.88 -9.71 24.62
C ARG A 221 -8.64 -10.91 25.54
N TRP A 222 -8.77 -12.14 25.01
CA TRP A 222 -8.55 -13.33 25.83
C TRP A 222 -7.16 -13.41 26.43
N PHE A 223 -6.18 -12.84 25.73
CA PHE A 223 -4.78 -12.95 26.10
C PHE A 223 -4.37 -11.97 27.20
N LEU A 224 -5.29 -11.11 27.68
CA LEU A 224 -4.95 -10.16 28.73
C LEU A 224 -4.89 -10.88 30.08
N ASN A 225 -3.75 -10.78 30.76
CA ASN A 225 -3.57 -11.39 32.07
C ASN A 225 -3.55 -10.32 33.16
N ARG A 226 -3.65 -10.77 34.42
CA ARG A 226 -3.89 -9.89 35.55
C ARG A 226 -2.63 -9.30 36.16
N PHE A 227 -1.49 -9.39 35.48
CA PHE A 227 -0.22 -9.06 36.11
C PHE A 227 0.53 -8.02 35.29
N THR A 228 1.65 -7.57 35.85
CA THR A 228 2.48 -6.61 35.13
C THR A 228 3.92 -7.11 35.17
N THR A 229 4.84 -6.33 34.64
CA THR A 229 6.23 -6.75 34.59
C THR A 229 7.06 -5.48 34.57
N THR A 230 8.35 -5.65 34.80
CA THR A 230 9.31 -4.60 34.59
C THR A 230 9.73 -4.63 33.14
N LEU A 231 10.17 -3.46 32.64
CA LEU A 231 10.65 -3.39 31.28
C LEU A 231 11.93 -4.19 31.08
N ASN A 232 12.81 -4.21 32.09
CA ASN A 232 14.03 -5.02 31.97
C ASN A 232 13.71 -6.52 31.97
N ASP A 233 12.84 -6.96 32.87
CA ASP A 233 12.37 -8.34 32.84
C ASP A 233 11.87 -8.71 31.46
N PHE A 234 10.99 -7.90 30.88
CA PHE A 234 10.46 -8.23 29.56
C PHE A 234 11.59 -8.31 28.53
N ASN A 235 12.51 -7.35 28.54
CA ASN A 235 13.52 -7.30 27.49
C ASN A 235 14.44 -8.51 27.53
N LEU A 236 14.78 -8.95 28.74
CA LEU A 236 15.62 -10.13 28.90
C LEU A 236 14.91 -11.37 28.38
N VAL A 237 13.64 -11.51 28.74
CA VAL A 237 12.86 -12.65 28.26
C VAL A 237 12.70 -12.57 26.75
N ALA A 238 12.28 -11.40 26.27
CA ALA A 238 12.00 -11.24 24.85
C ALA A 238 13.22 -11.56 23.98
N MET A 239 14.41 -11.21 24.45
CA MET A 239 15.63 -11.47 23.68
C MET A 239 15.77 -12.95 23.38
N LYS A 240 15.30 -13.80 24.29
CA LYS A 240 15.39 -15.25 24.13
C LYS A 240 14.47 -15.77 23.04
N TYR A 241 13.46 -14.98 22.62
CA TYR A 241 12.54 -15.35 21.57
C TYR A 241 12.77 -14.56 20.29
N ASN A 242 13.93 -13.90 20.20
CA ASN A 242 14.30 -13.12 19.02
C ASN A 242 13.39 -11.90 18.85
N TYR A 243 12.91 -11.35 19.94
CA TYR A 243 12.18 -10.09 19.91
C TYR A 243 13.13 -8.95 20.21
N GLU A 244 12.91 -7.82 19.55
CA GLU A 244 13.71 -6.62 19.79
C GLU A 244 13.47 -6.12 21.21
N PRO A 245 14.52 -5.70 21.92
CA PRO A 245 14.27 -5.07 23.21
C PRO A 245 13.53 -3.76 22.99
N LEU A 246 12.72 -3.42 23.98
CA LEU A 246 11.97 -2.18 23.96
C LEU A 246 12.85 -1.03 24.48
N THR A 247 12.59 0.13 23.92
CA THR A 247 13.21 1.36 24.33
C THR A 247 12.18 2.23 25.01
N GLN A 248 12.69 3.27 25.68
CA GLN A 248 11.80 4.27 26.25
C GLN A 248 10.95 4.94 25.17
N ASP A 249 11.51 5.16 23.99
CA ASP A 249 10.73 5.75 22.92
C ASP A 249 9.56 4.83 22.54
N HIS A 250 9.80 3.53 22.53
CA HIS A 250 8.72 2.57 22.26
C HIS A 250 7.60 2.68 23.27
N VAL A 251 7.95 2.76 24.56
CA VAL A 251 6.94 2.93 25.59
C VAL A 251 6.16 4.21 25.37
N ASP A 252 6.87 5.27 24.98
CA ASP A 252 6.20 6.54 24.72
C ASP A 252 5.26 6.46 23.51
N ILE A 253 5.66 5.83 22.41
CA ILE A 253 4.75 5.85 21.25
C ILE A 253 3.53 4.95 21.44
N LEU A 254 3.54 4.09 22.45
CA LEU A 254 2.38 3.26 22.81
C LEU A 254 1.41 4.00 23.71
N GLY A 255 1.73 5.25 24.10
CA GLY A 255 0.93 6.02 25.02
C GLY A 255 -0.51 6.19 24.56
N PRO A 256 -0.70 6.67 23.32
CA PRO A 256 -2.08 6.84 22.82
C PRO A 256 -2.90 5.55 22.89
N LEU A 257 -2.32 4.41 22.52
CA LEU A 257 -3.06 3.15 22.56
C LEU A 257 -3.27 2.67 23.99
N SER A 258 -2.30 2.90 24.87
CA SER A 258 -2.50 2.60 26.28
C SER A 258 -3.64 3.42 26.87
N ALA A 259 -3.71 4.69 26.50
CA ALA A 259 -4.77 5.56 26.99
C ALA A 259 -6.12 5.17 26.40
N GLN A 260 -6.13 4.76 25.13
CA GLN A 260 -7.37 4.40 24.46
C GLN A 260 -8.01 3.20 25.12
N THR A 261 -7.20 2.22 25.54
CA THR A 261 -7.66 0.97 26.13
C THR A 261 -7.63 0.94 27.64
N GLY A 262 -6.90 1.87 28.28
CA GLY A 262 -6.72 1.78 29.72
C GLY A 262 -5.79 0.67 30.16
N ILE A 263 -5.04 0.08 29.25
CA ILE A 263 -4.13 -1.02 29.58
C ILE A 263 -2.72 -0.46 29.58
N ALA A 264 -2.10 -0.42 30.77
CA ALA A 264 -0.73 0.06 30.91
C ALA A 264 0.21 -0.70 29.98
N VAL A 265 1.19 0.01 29.42
CA VAL A 265 2.14 -0.62 28.53
C VAL A 265 2.77 -1.87 29.18
N LEU A 266 3.23 -1.73 30.44
CA LEU A 266 3.89 -2.86 31.08
C LEU A 266 2.95 -4.02 31.32
N ASP A 267 1.64 -3.77 31.45
CA ASP A 267 0.68 -4.86 31.54
C ASP A 267 0.55 -5.58 30.22
N MET A 268 0.56 -4.83 29.11
CA MET A 268 0.55 -5.51 27.84
C MET A 268 1.85 -6.27 27.63
N CYS A 269 2.98 -5.74 28.13
CA CYS A 269 4.23 -6.48 28.04
C CYS A 269 4.14 -7.82 28.77
N ALA A 270 3.50 -7.83 29.94
CA ALA A 270 3.27 -9.11 30.64
C ALA A 270 2.41 -10.05 29.81
N SER A 271 1.34 -9.53 29.22
CA SER A 271 0.50 -10.37 28.36
C SER A 271 1.31 -10.96 27.20
N LEU A 272 2.15 -10.14 26.56
CA LEU A 272 2.97 -10.65 25.46
C LEU A 272 3.97 -11.68 25.96
N LYS A 273 4.60 -11.42 27.11
CA LYS A 273 5.56 -12.38 27.64
C LYS A 273 4.90 -13.74 27.76
N GLU A 274 3.66 -13.77 28.26
CA GLU A 274 2.97 -15.03 28.44
C GLU A 274 2.71 -15.71 27.11
N LEU A 275 2.33 -14.94 26.08
CA LEU A 275 2.10 -15.52 24.78
C LEU A 275 3.38 -16.13 24.24
N LEU A 276 4.51 -15.46 24.48
CA LEU A 276 5.78 -15.96 23.97
C LEU A 276 6.17 -17.27 24.65
N GLN A 277 6.01 -17.34 25.96
CA GLN A 277 6.43 -18.51 26.72
C GLN A 277 5.46 -19.67 26.57
N ASN A 278 4.15 -19.39 26.58
CA ASN A 278 3.13 -20.44 26.52
C ASN A 278 2.59 -20.70 25.13
N GLY A 279 2.73 -19.76 24.20
CA GLY A 279 2.14 -19.92 22.90
C GLY A 279 0.68 -19.51 22.86
N MET A 280 0.09 -19.64 21.67
CA MET A 280 -1.31 -19.35 21.47
C MET A 280 -2.24 -20.49 21.92
N ASN A 281 -1.69 -21.66 22.24
CA ASN A 281 -2.48 -22.82 22.66
C ASN A 281 -3.77 -22.96 21.84
N GLY A 282 -3.61 -22.95 20.51
CA GLY A 282 -4.71 -23.18 19.59
C GLY A 282 -5.53 -21.97 19.22
N ARG A 283 -5.29 -20.81 19.83
CA ARG A 283 -6.15 -19.66 19.66
C ARG A 283 -5.60 -18.70 18.62
N THR A 284 -6.41 -17.70 18.27
CA THR A 284 -6.06 -16.71 17.27
C THR A 284 -6.25 -15.33 17.89
N ILE A 285 -5.56 -14.35 17.31
CA ILE A 285 -5.71 -12.95 17.71
C ILE A 285 -5.97 -12.19 16.43
N LEU A 286 -7.09 -11.45 16.40
CA LEU A 286 -7.50 -10.77 15.19
C LEU A 286 -7.60 -11.74 14.03
N GLY A 287 -7.99 -12.98 14.31
CA GLY A 287 -8.21 -13.93 13.24
C GLY A 287 -6.97 -14.64 12.76
N SER A 288 -5.85 -14.46 13.43
CA SER A 288 -4.58 -14.98 12.97
C SER A 288 -3.91 -15.75 14.09
N ALA A 289 -3.26 -16.85 13.70
CA ALA A 289 -2.44 -17.62 14.60
C ALA A 289 -1.03 -17.05 14.74
N LEU A 290 -0.69 -16.04 13.94
CA LEU A 290 0.63 -15.42 14.01
C LEU A 290 0.50 -14.00 14.54
N LEU A 291 1.48 -13.57 15.31
CA LEU A 291 1.57 -12.16 15.69
C LEU A 291 2.16 -11.32 14.57
N GLU A 292 1.55 -10.17 14.34
CA GLU A 292 1.95 -9.25 13.28
C GLU A 292 2.87 -8.17 13.84
N ASP A 293 3.95 -7.85 13.11
CA ASP A 293 4.91 -6.85 13.58
C ASP A 293 5.19 -5.73 12.56
N GLU A 294 4.36 -5.55 11.54
CA GLU A 294 4.58 -4.48 10.58
C GLU A 294 3.55 -3.36 10.66
N PHE A 295 2.78 -3.28 11.74
CA PHE A 295 1.87 -2.16 11.99
C PHE A 295 2.33 -1.41 13.23
N THR A 296 2.67 -0.12 13.07
CA THR A 296 3.09 0.69 14.20
C THR A 296 1.89 1.17 15.01
N PRO A 297 2.13 1.70 16.19
CA PRO A 297 1.04 2.35 16.93
C PRO A 297 0.30 3.37 16.07
N PHE A 298 1.04 4.11 15.25
CA PHE A 298 0.42 5.10 14.39
C PHE A 298 -0.43 4.45 13.32
N ASP A 299 0.05 3.34 12.74
CA ASP A 299 -0.73 2.62 11.75
C ASP A 299 -2.02 2.10 12.34
N VAL A 300 -1.96 1.57 13.57
CA VAL A 300 -3.16 1.05 14.23
C VAL A 300 -4.19 2.15 14.44
N VAL A 301 -3.75 3.33 14.86
CA VAL A 301 -4.72 4.39 15.12
C VAL A 301 -5.34 4.88 13.81
N ARG A 302 -4.58 4.87 12.72
CA ARG A 302 -5.09 5.31 11.41
C ARG A 302 -6.20 4.40 10.88
N GLN A 303 -6.04 3.08 11.04
CA GLN A 303 -7.06 2.17 10.53
C GLN A 303 -8.19 1.86 11.50
N CYS A 304 -8.01 2.11 12.79
CA CYS A 304 -9.14 1.92 13.69
C CYS A 304 -9.96 3.20 13.84
N SER A 305 -9.29 4.35 13.91
CA SER A 305 -9.93 5.61 14.29
C SER A 305 -9.93 6.67 13.18
N PHE B 7 6.46 -11.51 -1.52
CA PHE B 7 6.71 -10.26 -2.22
C PHE B 7 5.55 -9.29 -1.89
N ARG B 8 5.44 -8.17 -2.61
CA ARG B 8 4.76 -6.99 -2.09
C ARG B 8 3.50 -6.62 -2.86
N LYS B 9 2.37 -6.58 -2.16
CA LYS B 9 1.19 -5.88 -2.65
C LYS B 9 1.52 -4.40 -2.91
N MET B 10 1.25 -3.94 -4.12
CA MET B 10 1.65 -2.61 -4.57
C MET B 10 0.48 -1.93 -5.27
N ALA B 11 0.23 -0.67 -4.90
CA ALA B 11 -0.81 0.13 -5.52
C ALA B 11 -0.20 0.99 -6.62
N PHE B 12 -1.05 1.41 -7.54
CA PHE B 12 -0.63 2.39 -8.53
C PHE B 12 -0.36 3.72 -7.85
N PRO B 13 0.54 4.53 -8.40
CA PRO B 13 0.73 5.89 -7.86
C PRO B 13 -0.57 6.67 -7.96
N SER B 14 -0.95 7.33 -6.88
CA SER B 14 -2.30 7.88 -6.77
C SER B 14 -2.45 9.32 -7.22
N GLY B 15 -1.34 9.98 -7.60
CA GLY B 15 -1.38 11.41 -7.87
C GLY B 15 -2.46 11.86 -8.83
N LYS B 16 -2.60 11.15 -9.95
CA LYS B 16 -3.57 11.56 -10.96
C LYS B 16 -4.99 11.55 -10.41
N VAL B 17 -5.26 10.66 -9.47
CA VAL B 17 -6.59 10.59 -8.87
C VAL B 17 -6.73 11.62 -7.76
N GLU B 18 -5.66 11.85 -6.99
CA GLU B 18 -5.71 12.84 -5.92
C GLU B 18 -6.17 14.21 -6.45
N GLY B 19 -5.73 14.56 -7.64
CA GLY B 19 -6.07 15.83 -8.23
C GLY B 19 -7.52 15.96 -8.63
N CYS B 20 -8.29 14.89 -8.49
CA CYS B 20 -9.71 14.89 -8.81
C CYS B 20 -10.62 14.85 -7.59
N MET B 21 -10.10 14.69 -6.39
CA MET B 21 -10.98 14.48 -5.25
C MET B 21 -11.43 15.81 -4.68
N VAL B 22 -12.73 15.90 -4.41
CA VAL B 22 -13.36 17.04 -3.79
C VAL B 22 -14.30 16.57 -2.68
N GLN B 23 -14.79 17.54 -1.91
CA GLN B 23 -15.77 17.30 -0.87
C GLN B 23 -17.14 17.74 -1.36
N VAL B 24 -18.16 16.90 -1.08
CA VAL B 24 -19.56 17.12 -1.47
C VAL B 24 -20.43 17.06 -0.21
N THR B 25 -21.20 18.14 0.02
CA THR B 25 -22.04 18.20 1.19
C THR B 25 -23.46 18.53 0.78
N CYS B 26 -24.39 17.84 1.41
CA CYS B 26 -25.83 18.06 1.26
C CYS B 26 -26.42 17.90 2.65
N GLY B 27 -26.98 18.98 3.19
CA GLY B 27 -27.52 18.88 4.54
C GLY B 27 -26.41 18.60 5.53
N THR B 28 -26.60 17.56 6.35
CA THR B 28 -25.60 17.16 7.35
C THR B 28 -24.74 16.00 6.88
N THR B 29 -24.81 15.64 5.60
CA THR B 29 -24.04 14.53 5.07
C THR B 29 -22.92 15.06 4.20
N THR B 30 -21.69 14.63 4.49
CA THR B 30 -20.52 15.00 3.72
C THR B 30 -19.83 13.73 3.26
N LEU B 31 -19.43 13.70 2.00
CA LEU B 31 -18.60 12.60 1.51
C LEU B 31 -17.75 13.13 0.37
N ASN B 32 -17.04 12.22 -0.29
CA ASN B 32 -16.12 12.57 -1.34
C ASN B 32 -16.75 12.50 -2.73
N GLY B 33 -16.31 13.42 -3.60
CA GLY B 33 -16.61 13.37 -5.02
C GLY B 33 -15.38 13.30 -5.90
N LEU B 34 -15.61 12.86 -7.13
CA LEU B 34 -14.61 12.72 -8.18
C LEU B 34 -14.91 13.75 -9.26
N TRP B 35 -14.02 14.71 -9.43
CA TRP B 35 -14.23 15.88 -10.29
C TRP B 35 -13.42 15.69 -11.59
N LEU B 36 -14.12 15.41 -12.70
CA LEU B 36 -13.48 15.16 -13.98
C LEU B 36 -14.11 16.13 -14.99
N ASP B 37 -13.27 16.91 -15.66
CA ASP B 37 -13.80 17.96 -16.56
C ASP B 37 -14.72 18.83 -15.73
N ASP B 38 -16.00 19.02 -16.10
CA ASP B 38 -16.91 19.88 -15.33
C ASP B 38 -18.00 19.10 -14.61
N VAL B 39 -17.75 17.85 -14.23
CA VAL B 39 -18.74 17.06 -13.52
C VAL B 39 -18.09 16.45 -12.30
N VAL B 40 -18.82 16.47 -11.19
CA VAL B 40 -18.45 15.79 -9.95
C VAL B 40 -19.38 14.58 -9.75
N TYR B 41 -18.77 13.39 -9.68
CA TYR B 41 -19.47 12.14 -9.46
C TYR B 41 -19.39 11.79 -7.99
N CYS B 42 -20.51 11.38 -7.37
CA CYS B 42 -20.45 10.93 -5.99
C CYS B 42 -21.60 10.00 -5.72
N PRO B 43 -21.59 9.32 -4.58
CA PRO B 43 -22.71 8.43 -4.25
C PRO B 43 -23.99 9.25 -4.04
N ARG B 44 -25.09 8.75 -4.61
CA ARG B 44 -26.35 9.50 -4.46
C ARG B 44 -26.87 9.52 -3.03
N HIS B 45 -26.42 8.64 -2.16
CA HIS B 45 -27.00 8.67 -0.83
C HIS B 45 -26.58 9.91 -0.03
N VAL B 46 -25.77 10.80 -0.61
CA VAL B 46 -25.53 12.08 0.04
C VAL B 46 -26.82 12.88 0.16
N ILE B 47 -27.83 12.58 -0.65
CA ILE B 47 -29.06 13.39 -0.64
C ILE B 47 -30.02 12.89 0.43
N CYS B 48 -29.54 11.99 1.26
CA CYS B 48 -30.46 11.39 2.24
C CYS B 48 -30.18 11.88 3.67
N THR B 49 -31.24 12.14 4.44
CA THR B 49 -31.12 12.39 5.86
C THR B 49 -30.96 11.06 6.56
N SER B 50 -30.84 11.11 7.89
CA SER B 50 -30.81 9.87 8.67
C SER B 50 -32.07 9.05 8.42
N GLU B 51 -33.23 9.70 8.40
CA GLU B 51 -34.50 8.99 8.29
C GLU B 51 -34.76 8.52 6.87
N ASP B 52 -34.20 9.22 5.86
CA ASP B 52 -34.39 8.81 4.48
C ASP B 52 -33.75 7.46 4.21
N MET B 53 -32.56 7.22 4.80
CA MET B 53 -31.70 6.11 4.39
C MET B 53 -32.38 4.75 4.53
N LEU B 54 -33.50 4.65 5.24
CA LEU B 54 -34.06 3.32 5.52
C LEU B 54 -34.84 2.76 4.33
N ASN B 55 -35.58 3.59 3.59
CA ASN B 55 -36.21 3.18 2.33
C ASN B 55 -36.28 4.38 1.40
N PRO B 56 -35.14 4.80 0.86
CA PRO B 56 -35.07 6.11 0.20
C PRO B 56 -35.57 6.05 -1.24
N ASN B 57 -36.54 6.91 -1.56
CA ASN B 57 -37.03 7.02 -2.93
C ASN B 57 -36.21 8.09 -3.62
N TYR B 58 -35.10 7.66 -4.22
CA TYR B 58 -34.10 8.61 -4.69
C TYR B 58 -34.61 9.53 -5.80
N GLU B 59 -35.50 9.04 -6.67
CA GLU B 59 -36.05 9.94 -7.68
C GLU B 59 -36.84 11.07 -7.02
N ASP B 60 -37.66 10.75 -6.00
CA ASP B 60 -38.38 11.79 -5.26
C ASP B 60 -37.42 12.73 -4.55
N LEU B 61 -36.47 12.16 -3.80
CA LEU B 61 -35.55 13.01 -3.07
C LEU B 61 -34.79 13.91 -4.04
N LEU B 62 -34.45 13.39 -5.22
CA LEU B 62 -33.61 14.18 -6.11
C LEU B 62 -34.37 15.34 -6.72
N ILE B 63 -35.64 15.14 -7.07
CA ILE B 63 -36.38 16.21 -7.72
C ILE B 63 -36.61 17.38 -6.75
N ARG B 64 -36.57 17.08 -5.46
CA ARG B 64 -36.83 18.11 -4.41
C ARG B 64 -35.56 18.89 -4.09
N LYS B 65 -34.40 18.43 -4.56
CA LYS B 65 -33.16 19.17 -4.38
C LYS B 65 -32.99 20.23 -5.46
N SER B 66 -32.47 21.40 -5.07
CA SER B 66 -31.95 22.36 -6.03
C SER B 66 -30.42 22.30 -6.05
N ASN B 67 -29.86 22.87 -7.11
CA ASN B 67 -28.41 22.96 -7.25
C ASN B 67 -27.76 23.59 -6.02
N HIS B 68 -28.35 24.69 -5.51
CA HIS B 68 -27.76 25.37 -4.37
C HIS B 68 -27.78 24.52 -3.10
N ASN B 69 -28.51 23.39 -3.09
CA ASN B 69 -28.46 22.51 -1.93
C ASN B 69 -27.16 21.72 -1.85
N PHE B 70 -26.34 21.73 -2.90
CA PHE B 70 -25.10 20.93 -2.96
C PHE B 70 -23.91 21.85 -2.78
N LEU B 71 -23.10 21.57 -1.78
CA LEU B 71 -21.87 22.32 -1.52
C LEU B 71 -20.70 21.46 -1.95
N VAL B 72 -20.00 21.90 -2.99
CA VAL B 72 -18.82 21.23 -3.49
C VAL B 72 -17.61 22.11 -3.23
N GLN B 73 -16.62 21.57 -2.52
CA GLN B 73 -15.37 22.29 -2.27
C GLN B 73 -14.17 21.52 -2.79
N ALA B 74 -13.37 22.18 -3.63
CA ALA B 74 -12.05 21.69 -4.02
C ALA B 74 -11.02 22.44 -3.17
N GLY B 75 -10.60 21.82 -2.08
CA GLY B 75 -9.78 22.55 -1.12
C GLY B 75 -10.51 23.77 -0.59
N ASN B 76 -9.87 24.93 -0.72
CA ASN B 76 -10.34 26.18 -0.14
C ASN B 76 -11.37 26.88 -1.03
N VAL B 77 -11.82 26.24 -2.09
CA VAL B 77 -12.63 26.87 -3.11
C VAL B 77 -13.94 26.11 -3.23
N GLN B 78 -15.06 26.81 -3.06
CA GLN B 78 -16.38 26.28 -3.39
C GLN B 78 -16.56 26.34 -4.90
N LEU B 79 -17.06 25.26 -5.49
CA LEU B 79 -17.38 25.20 -6.91
C LEU B 79 -18.89 25.36 -7.01
N ARG B 80 -19.34 26.09 -8.02
CA ARG B 80 -20.77 26.36 -8.16
C ARG B 80 -21.40 25.22 -8.97
N VAL B 81 -22.41 24.59 -8.35
CA VAL B 81 -23.23 23.55 -8.98
C VAL B 81 -24.29 24.22 -9.86
N ILE B 82 -24.27 23.88 -11.14
CA ILE B 82 -25.17 24.46 -12.13
C ILE B 82 -26.07 23.42 -12.77
N GLY B 83 -25.99 22.16 -12.35
CA GLY B 83 -26.85 21.11 -12.85
C GLY B 83 -26.69 19.89 -11.99
N HIS B 84 -27.72 19.05 -11.88
CA HIS B 84 -27.58 17.80 -11.15
C HIS B 84 -28.42 16.74 -11.85
N SER B 85 -27.87 15.54 -11.98
CA SER B 85 -28.65 14.41 -12.45
C SER B 85 -28.14 13.15 -11.77
N MET B 86 -28.79 12.06 -12.05
CA MET B 86 -28.50 10.81 -11.39
C MET B 86 -28.41 9.71 -12.45
N GLN B 87 -27.38 8.88 -12.35
CA GLN B 87 -27.27 7.68 -13.16
C GLN B 87 -27.10 6.50 -12.22
N ASN B 88 -28.09 5.62 -12.18
CA ASN B 88 -28.13 4.54 -11.22
C ASN B 88 -27.84 5.09 -9.83
N CYS B 89 -26.83 4.58 -9.14
CA CYS B 89 -26.56 5.03 -7.77
C CYS B 89 -25.52 6.14 -7.68
N VAL B 90 -25.17 6.81 -8.77
CA VAL B 90 -24.20 7.91 -8.71
CA VAL B 90 -24.20 7.89 -8.76
C VAL B 90 -24.91 9.20 -9.07
N LEU B 91 -24.69 10.19 -8.22
CA LEU B 91 -25.11 11.55 -8.48
C LEU B 91 -24.06 12.24 -9.33
N LYS B 92 -24.51 13.02 -10.30
CA LYS B 92 -23.63 13.80 -11.16
C LYS B 92 -23.94 15.27 -10.96
N LEU B 93 -22.95 16.01 -10.46
CA LEU B 93 -23.09 17.45 -10.21
C LEU B 93 -22.29 18.20 -11.25
N LYS B 94 -22.99 18.88 -12.16
CA LYS B 94 -22.32 19.72 -13.12
C LYS B 94 -21.89 21.00 -12.43
N VAL B 95 -20.62 21.37 -12.58
CA VAL B 95 -20.09 22.58 -11.98
C VAL B 95 -19.70 23.56 -13.09
N ASP B 96 -19.47 24.80 -12.69
CA ASP B 96 -19.20 25.83 -13.69
C ASP B 96 -17.74 25.91 -14.10
N THR B 97 -16.86 25.11 -13.51
CA THR B 97 -15.45 25.17 -13.83
C THR B 97 -14.92 23.77 -14.11
N ALA B 98 -13.95 23.72 -15.00
CA ALA B 98 -13.37 22.45 -15.40
C ALA B 98 -12.15 22.19 -14.54
N ASN B 99 -11.96 20.93 -14.19
CA ASN B 99 -10.79 20.55 -13.42
C ASN B 99 -9.56 20.50 -14.32
N PRO B 100 -8.60 21.42 -14.16
CA PRO B 100 -7.43 21.39 -15.06
C PRO B 100 -6.55 20.19 -14.84
N LYS B 101 -6.70 19.50 -13.70
CA LYS B 101 -5.92 18.31 -13.38
C LYS B 101 -6.61 17.00 -13.83
N THR B 102 -7.71 17.08 -14.57
CA THR B 102 -8.37 15.89 -15.12
C THR B 102 -7.37 15.07 -15.92
N PRO B 103 -7.15 13.80 -15.57
CA PRO B 103 -6.24 12.99 -16.38
C PRO B 103 -7.01 12.41 -17.55
N LYS B 104 -6.26 11.83 -18.49
CA LYS B 104 -6.89 10.95 -19.44
C LYS B 104 -7.52 9.79 -18.67
N TYR B 105 -8.78 9.48 -18.97
CA TYR B 105 -9.45 8.49 -18.14
C TYR B 105 -10.52 7.73 -18.93
N LYS B 106 -10.85 6.55 -18.40
CA LYS B 106 -12.04 5.82 -18.81
C LYS B 106 -12.73 5.28 -17.57
N PHE B 107 -14.00 4.97 -17.75
CA PHE B 107 -14.79 4.27 -16.75
C PHE B 107 -14.91 2.84 -17.22
N VAL B 108 -14.51 1.89 -16.38
CA VAL B 108 -14.58 0.49 -16.76
C VAL B 108 -15.27 -0.29 -15.64
N ARG B 109 -15.95 -1.36 -16.02
CA ARG B 109 -16.47 -2.31 -15.05
C ARG B 109 -15.51 -3.51 -14.97
N ILE B 110 -14.94 -3.74 -13.80
CA ILE B 110 -13.95 -4.81 -13.68
CA ILE B 110 -13.95 -4.79 -13.59
C ILE B 110 -14.65 -6.13 -13.37
N GLN B 111 -13.94 -7.26 -13.75
CA GLN B 111 -14.40 -8.61 -13.52
C GLN B 111 -13.99 -9.09 -12.13
N PRO B 112 -14.80 -9.96 -11.52
CA PRO B 112 -14.37 -10.58 -10.28
C PRO B 112 -13.03 -11.30 -10.47
N GLY B 113 -12.20 -11.22 -9.43
CA GLY B 113 -10.85 -11.73 -9.47
C GLY B 113 -9.81 -10.71 -9.89
N GLN B 114 -10.20 -9.64 -10.54
CA GLN B 114 -9.27 -8.59 -10.90
C GLN B 114 -9.01 -7.62 -9.74
N THR B 115 -7.88 -6.93 -9.82
CA THR B 115 -7.46 -6.07 -8.74
C THR B 115 -7.47 -4.61 -9.19
N PHE B 116 -7.40 -3.72 -8.19
CA PHE B 116 -7.39 -2.30 -8.46
C PHE B 116 -6.90 -1.60 -7.21
N SER B 117 -6.44 -0.37 -7.40
CA SER B 117 -6.00 0.47 -6.29
C SER B 117 -7.14 1.32 -5.78
N VAL B 118 -7.19 1.50 -4.46
CA VAL B 118 -8.18 2.33 -3.79
C VAL B 118 -7.46 3.55 -3.21
N LEU B 119 -7.99 4.73 -3.48
CA LEU B 119 -7.53 5.97 -2.82
C LEU B 119 -8.58 6.30 -1.79
N ALA B 120 -8.30 5.92 -0.56
CA ALA B 120 -9.25 6.22 0.51
C ALA B 120 -9.13 7.70 0.84
N CYS B 121 -10.27 8.36 0.90
CA CYS B 121 -10.38 9.79 1.16
C CYS B 121 -11.43 10.05 2.24
N TYR B 122 -11.23 11.16 2.96
CA TYR B 122 -12.16 11.67 3.98
C TYR B 122 -12.23 13.17 3.82
N ASN B 123 -13.46 13.71 3.73
CA ASN B 123 -13.70 15.15 3.58
C ASN B 123 -12.99 15.70 2.36
N GLY B 124 -12.97 14.90 1.31
CA GLY B 124 -12.35 15.34 0.09
C GLY B 124 -10.85 15.28 0.07
N SER B 125 -10.22 14.84 1.16
CA SER B 125 -8.75 14.75 1.22
C SER B 125 -8.27 13.31 1.17
N PRO B 126 -7.33 13.02 0.28
CA PRO B 126 -6.73 11.69 0.22
C PRO B 126 -6.02 11.30 1.51
N SER B 127 -6.23 10.08 1.96
CA SER B 127 -5.62 9.62 3.20
C SER B 127 -4.78 8.35 3.04
N GLY B 128 -5.13 7.45 2.13
CA GLY B 128 -4.33 6.25 2.00
C GLY B 128 -4.59 5.56 0.69
N VAL B 129 -3.65 4.70 0.27
CA VAL B 129 -3.74 4.00 -1.01
CA VAL B 129 -3.75 3.99 -1.00
C VAL B 129 -3.40 2.53 -0.78
N TYR B 130 -4.20 1.64 -1.34
CA TYR B 130 -3.93 0.22 -1.19
C TYR B 130 -4.64 -0.57 -2.28
N GLN B 131 -4.18 -1.80 -2.47
CA GLN B 131 -4.66 -2.72 -3.49
C GLN B 131 -5.77 -3.63 -2.97
N CYS B 132 -6.81 -3.79 -3.77
CA CYS B 132 -8.00 -4.59 -3.45
C CYS B 132 -8.27 -5.50 -4.63
N ALA B 133 -8.97 -6.61 -4.38
CA ALA B 133 -9.49 -7.38 -5.51
C ALA B 133 -11.02 -7.35 -5.42
N MET B 134 -11.66 -7.37 -6.57
CA MET B 134 -13.09 -7.59 -6.62
C MET B 134 -13.34 -9.07 -6.30
N ARG B 135 -13.95 -9.38 -5.14
CA ARG B 135 -14.18 -10.78 -4.74
C ARG B 135 -15.20 -11.46 -5.66
N PRO B 136 -15.11 -12.80 -5.79
CA PRO B 136 -16.13 -13.53 -6.58
C PRO B 136 -17.54 -13.20 -6.15
N ASN B 137 -17.77 -12.93 -4.86
CA ASN B 137 -19.09 -12.53 -4.39
C ASN B 137 -19.30 -11.00 -4.42
N PHE B 138 -18.45 -10.30 -5.17
CA PHE B 138 -18.62 -8.89 -5.52
C PHE B 138 -18.57 -7.97 -4.31
N THR B 139 -17.92 -8.41 -3.23
CA THR B 139 -17.51 -7.52 -2.16
C THR B 139 -16.03 -7.19 -2.30
N ILE B 140 -15.56 -6.24 -1.49
CA ILE B 140 -14.13 -5.97 -1.44
C ILE B 140 -13.71 -5.86 0.00
N LYS B 141 -12.50 -6.31 0.29
CA LYS B 141 -11.92 -6.30 1.62
C LYS B 141 -11.07 -5.05 1.70
N GLY B 142 -11.71 -3.95 2.04
CA GLY B 142 -11.02 -2.68 2.10
C GLY B 142 -10.89 -2.18 3.52
N SER B 143 -10.33 -1.00 3.61
CA SER B 143 -10.26 -0.24 4.85
C SER B 143 -10.99 1.06 4.55
N PHE B 144 -12.21 1.16 5.05
CA PHE B 144 -13.07 2.32 4.82
C PHE B 144 -13.78 2.64 6.11
N LEU B 145 -13.64 3.87 6.57
CA LEU B 145 -14.27 4.33 7.79
C LEU B 145 -15.42 5.28 7.46
N ASN B 146 -16.07 5.80 8.50
CA ASN B 146 -17.08 6.82 8.27
C ASN B 146 -16.49 7.94 7.42
N GLY B 147 -17.25 8.39 6.43
CA GLY B 147 -16.82 9.46 5.56
C GLY B 147 -16.02 9.05 4.33
N SER B 148 -15.80 7.76 4.14
CA SER B 148 -15.01 7.26 3.01
C SER B 148 -15.82 7.16 1.73
N CYS B 149 -17.14 7.29 1.79
CA CYS B 149 -17.92 7.12 0.59
C CYS B 149 -17.48 8.09 -0.50
N GLY B 150 -17.48 7.59 -1.72
CA GLY B 150 -17.02 8.36 -2.84
C GLY B 150 -15.57 8.21 -3.11
N SER B 151 -14.81 7.58 -2.19
CA SER B 151 -13.47 7.10 -2.54
C SER B 151 -13.58 6.19 -3.76
N VAL B 152 -12.56 6.24 -4.61
CA VAL B 152 -12.61 5.48 -5.86
C VAL B 152 -11.47 4.46 -5.96
N GLY B 153 -11.75 3.46 -6.79
CA GLY B 153 -10.78 2.44 -7.16
C GLY B 153 -10.43 2.59 -8.63
N PHE B 154 -9.20 2.27 -8.98
CA PHE B 154 -8.73 2.54 -10.32
C PHE B 154 -7.52 1.67 -10.63
N ASN B 155 -7.25 1.52 -11.94
CA ASN B 155 -5.98 1.06 -12.46
C ASN B 155 -5.41 2.12 -13.40
N ILE B 156 -4.10 2.08 -13.61
CA ILE B 156 -3.45 2.99 -14.54
C ILE B 156 -2.73 2.17 -15.61
N ASP B 157 -2.96 2.51 -16.87
CA ASP B 157 -2.35 1.85 -18.02
C ASP B 157 -1.79 2.97 -18.88
N TYR B 158 -0.46 3.09 -18.92
CA TYR B 158 0.18 4.24 -19.54
C TYR B 158 -0.12 5.48 -18.70
N ASP B 159 -0.73 6.50 -19.30
CA ASP B 159 -1.14 7.69 -18.58
C ASP B 159 -2.64 7.78 -18.40
N CYS B 160 -3.38 6.71 -18.71
CA CYS B 160 -4.83 6.70 -18.65
C CYS B 160 -5.30 6.00 -17.37
N VAL B 161 -6.17 6.70 -16.64
CA VAL B 161 -6.75 6.16 -15.42
C VAL B 161 -8.07 5.49 -15.75
N SER B 162 -8.15 4.18 -15.51
CA SER B 162 -9.40 3.43 -15.62
C SER B 162 -10.07 3.34 -14.25
N PHE B 163 -11.12 4.15 -14.06
CA PHE B 163 -11.89 4.13 -12.82
C PHE B 163 -12.87 2.96 -12.84
N CYS B 164 -12.84 2.13 -11.81
CA CYS B 164 -13.68 0.96 -11.78
C CYS B 164 -14.55 0.82 -10.53
N TYR B 165 -14.36 1.65 -9.52
CA TYR B 165 -15.05 1.48 -8.24
C TYR B 165 -15.27 2.83 -7.58
N MET B 166 -16.43 2.95 -6.95
CA MET B 166 -16.77 4.05 -6.08
C MET B 166 -17.42 3.46 -4.84
N HIS B 167 -16.99 3.93 -3.68
CA HIS B 167 -17.34 3.30 -2.43
C HIS B 167 -18.66 3.80 -1.87
N HIS B 168 -19.52 2.85 -1.42
CA HIS B 168 -20.85 3.17 -0.88
C HIS B 168 -21.16 2.64 0.52
N MET B 169 -20.71 1.44 0.91
CA MET B 169 -21.23 0.85 2.14
C MET B 169 -20.31 -0.22 2.68
N GLU B 170 -20.58 -0.56 3.95
CA GLU B 170 -19.93 -1.64 4.65
C GLU B 170 -20.97 -2.68 5.05
N LEU B 171 -20.64 -3.94 4.94
CA LEU B 171 -21.54 -5.01 5.34
C LEU B 171 -21.27 -5.44 6.77
N PRO B 172 -22.21 -6.15 7.42
CA PRO B 172 -22.02 -6.50 8.85
C PRO B 172 -20.81 -7.37 9.11
N THR B 173 -20.32 -8.11 8.12
CA THR B 173 -19.08 -8.87 8.21
C THR B 173 -17.84 -7.99 8.10
N GLY B 174 -17.97 -6.68 7.90
CA GLY B 174 -16.85 -5.78 7.70
C GLY B 174 -16.26 -5.75 6.31
N VAL B 175 -16.84 -6.43 5.31
CA VAL B 175 -16.39 -6.22 3.94
C VAL B 175 -17.19 -5.06 3.36
N HIS B 176 -16.87 -4.67 2.12
CA HIS B 176 -17.33 -3.41 1.58
C HIS B 176 -17.98 -3.65 0.23
N ALA B 177 -18.91 -2.74 -0.14
CA ALA B 177 -19.65 -2.82 -1.37
C ALA B 177 -19.76 -1.43 -2.00
N GLY B 178 -19.76 -1.41 -3.31
CA GLY B 178 -19.93 -0.18 -4.03
C GLY B 178 -20.22 -0.45 -5.47
N THR B 179 -20.05 0.59 -6.30
CA THR B 179 -20.51 0.60 -7.68
C THR B 179 -19.35 0.84 -8.64
N ASP B 180 -19.63 0.67 -9.93
CA ASP B 180 -18.75 1.25 -10.93
C ASP B 180 -19.10 2.74 -11.09
N LEU B 181 -18.43 3.43 -12.01
CA LEU B 181 -18.66 4.87 -12.15
C LEU B 181 -19.90 5.17 -12.97
N GLU B 182 -20.57 4.13 -13.44
CA GLU B 182 -21.91 4.26 -13.95
C GLU B 182 -22.95 4.10 -12.88
N GLY B 183 -22.55 3.85 -11.63
CA GLY B 183 -23.52 3.75 -10.55
C GLY B 183 -24.19 2.40 -10.36
N ASN B 184 -23.77 1.37 -11.08
CA ASN B 184 -24.29 0.03 -10.90
C ASN B 184 -23.48 -0.67 -9.81
N PHE B 185 -24.16 -1.17 -8.78
CA PHE B 185 -23.45 -1.98 -7.80
C PHE B 185 -22.78 -3.21 -8.41
N TYR B 186 -21.62 -3.51 -7.84
CA TYR B 186 -21.05 -4.84 -7.92
C TYR B 186 -21.80 -5.70 -6.91
N GLY B 187 -22.44 -6.75 -7.39
CA GLY B 187 -23.16 -7.63 -6.48
C GLY B 187 -24.60 -7.23 -6.22
N PRO B 188 -25.24 -7.99 -5.35
CA PRO B 188 -26.69 -7.88 -5.14
C PRO B 188 -27.08 -6.87 -4.07
N PHE B 189 -26.33 -5.80 -3.98
CA PHE B 189 -26.50 -4.83 -2.93
C PHE B 189 -27.31 -3.62 -3.39
N VAL B 190 -27.80 -2.89 -2.40
CA VAL B 190 -28.69 -1.75 -2.58
C VAL B 190 -28.28 -0.67 -1.60
N ASP B 191 -28.31 0.57 -2.09
CA ASP B 191 -27.89 1.76 -1.29
C ASP B 191 -29.01 2.18 -0.33
N ARG B 192 -29.28 1.32 0.64
CA ARG B 192 -30.20 1.62 1.71
C ARG B 192 -29.60 1.10 3.02
N GLN B 193 -30.02 1.70 4.13
CA GLN B 193 -29.44 1.38 5.43
C GLN B 193 -30.18 0.18 6.00
N THR B 194 -29.78 -0.99 5.53
CA THR B 194 -30.33 -2.27 5.94
C THR B 194 -29.19 -3.25 5.99
N ALA B 195 -29.29 -4.25 6.87
CA ALA B 195 -28.20 -5.20 7.01
C ALA B 195 -28.26 -6.15 5.83
N GLN B 196 -27.17 -6.18 5.07
CA GLN B 196 -27.13 -6.96 3.85
C GLN B 196 -25.97 -7.93 3.89
N ALA B 197 -26.25 -9.18 3.63
CA ALA B 197 -25.26 -10.22 3.51
C ALA B 197 -24.92 -10.45 2.06
N ALA B 198 -23.70 -10.87 1.83
CA ALA B 198 -23.22 -11.23 0.50
C ALA B 198 -23.39 -12.71 0.27
N GLY B 199 -23.34 -13.09 -1.00
CA GLY B 199 -23.30 -14.50 -1.34
C GLY B 199 -22.07 -15.15 -0.76
N THR B 200 -22.09 -16.48 -0.79
CA THR B 200 -20.96 -17.23 -0.31
C THR B 200 -19.72 -16.82 -1.09
N ASP B 201 -18.68 -16.47 -0.36
CA ASP B 201 -17.49 -16.13 -1.09
C ASP B 201 -16.76 -17.41 -1.47
N THR B 202 -15.91 -17.27 -2.46
CA THR B 202 -15.08 -18.35 -2.96
C THR B 202 -13.71 -17.75 -3.20
N THR B 203 -12.70 -18.61 -3.30
CA THR B 203 -11.33 -18.14 -3.38
C THR B 203 -10.91 -18.02 -4.86
N ILE B 204 -10.17 -16.98 -5.20
CA ILE B 204 -9.77 -16.72 -6.59
C ILE B 204 -8.55 -17.59 -6.92
N THR B 205 -8.83 -18.75 -7.53
CA THR B 205 -7.81 -19.79 -7.68
C THR B 205 -6.64 -19.37 -8.56
N VAL B 206 -6.92 -18.74 -9.71
CA VAL B 206 -5.82 -18.35 -10.59
C VAL B 206 -4.87 -17.40 -9.85
N ASN B 207 -5.40 -16.57 -8.95
CA ASN B 207 -4.53 -15.67 -8.18
C ASN B 207 -3.72 -16.42 -7.13
N VAL B 208 -4.31 -17.41 -6.46
CA VAL B 208 -3.53 -18.21 -5.52
C VAL B 208 -2.39 -18.89 -6.26
N LEU B 209 -2.66 -19.34 -7.48
CA LEU B 209 -1.60 -19.99 -8.25
C LEU B 209 -0.50 -19.00 -8.62
N ALA B 210 -0.89 -17.81 -9.09
CA ALA B 210 0.09 -16.74 -9.36
C ALA B 210 0.95 -16.46 -8.13
N TRP B 211 0.32 -16.42 -6.96
CA TRP B 211 1.05 -16.17 -5.72
C TRP B 211 2.01 -17.30 -5.37
N LEU B 212 1.60 -18.56 -5.56
CA LEU B 212 2.55 -19.66 -5.37
C LEU B 212 3.75 -19.54 -6.30
N TYR B 213 3.53 -19.11 -7.54
CA TYR B 213 4.65 -18.92 -8.44
C TYR B 213 5.56 -17.81 -7.94
N ALA B 214 4.96 -16.75 -7.41
CA ALA B 214 5.74 -15.73 -6.75
C ALA B 214 6.54 -16.29 -5.58
N ALA B 215 5.94 -17.18 -4.78
CA ALA B 215 6.70 -17.74 -3.67
C ALA B 215 7.87 -18.57 -4.19
N VAL B 216 7.67 -19.29 -5.30
CA VAL B 216 8.73 -20.09 -5.88
C VAL B 216 9.85 -19.19 -6.40
N ILE B 217 9.49 -18.12 -7.08
CA ILE B 217 10.50 -17.21 -7.63
C ILE B 217 11.33 -16.61 -6.51
N ASN B 218 10.70 -16.30 -5.37
CA ASN B 218 11.42 -15.74 -4.23
C ASN B 218 12.13 -16.80 -3.39
N GLY B 219 12.19 -18.05 -3.84
CA GLY B 219 12.95 -19.10 -3.15
C GLY B 219 12.19 -19.93 -2.15
N ASP B 220 10.87 -19.82 -2.09
CA ASP B 220 10.07 -20.64 -1.19
C ASP B 220 9.50 -21.77 -2.05
N ARG B 221 9.83 -23.03 -1.71
CA ARG B 221 9.31 -24.12 -2.54
C ARG B 221 9.02 -25.39 -1.75
N TRP B 222 8.90 -25.27 -0.43
CA TRP B 222 8.58 -26.43 0.39
C TRP B 222 7.27 -27.11 -0.02
N PHE B 223 6.35 -26.35 -0.63
CA PHE B 223 5.02 -26.85 -0.96
C PHE B 223 4.95 -27.56 -2.32
N LEU B 224 6.00 -27.51 -3.13
CA LEU B 224 5.95 -28.21 -4.41
C LEU B 224 5.92 -29.71 -4.20
N ASN B 225 5.55 -30.41 -5.26
CA ASN B 225 5.55 -31.86 -5.18
C ASN B 225 5.71 -32.42 -6.58
N ARG B 226 6.05 -33.71 -6.64
CA ARG B 226 6.12 -34.43 -7.90
C ARG B 226 4.78 -35.00 -8.33
N PHE B 227 3.76 -34.95 -7.47
CA PHE B 227 2.42 -35.29 -7.89
C PHE B 227 1.98 -34.42 -9.08
N THR B 228 0.97 -34.88 -9.80
CA THR B 228 0.39 -34.08 -10.87
C THR B 228 -1.12 -34.33 -10.91
N THR B 229 -1.80 -33.58 -11.78
CA THR B 229 -3.25 -33.63 -11.82
C THR B 229 -3.72 -33.22 -13.20
N THR B 230 -4.91 -33.71 -13.54
CA THR B 230 -5.63 -33.17 -14.67
C THR B 230 -6.36 -31.90 -14.25
N LEU B 231 -6.78 -31.11 -15.25
CA LEU B 231 -7.44 -29.86 -14.93
C LEU B 231 -8.77 -30.15 -14.27
N ASN B 232 -9.50 -31.15 -14.76
CA ASN B 232 -10.81 -31.38 -14.18
C ASN B 232 -10.71 -31.94 -12.77
N ASP B 233 -9.74 -32.81 -12.50
CA ASP B 233 -9.60 -33.36 -11.16
C ASP B 233 -9.16 -32.30 -10.17
N PHE B 234 -8.34 -31.36 -10.63
CA PHE B 234 -8.03 -30.23 -9.79
C PHE B 234 -9.28 -29.43 -9.49
N ASN B 235 -10.08 -29.15 -10.52
CA ASN B 235 -11.26 -28.33 -10.33
C ASN B 235 -12.28 -29.02 -9.43
N LEU B 236 -12.38 -30.34 -9.51
CA LEU B 236 -13.27 -31.03 -8.58
C LEU B 236 -12.87 -30.74 -7.15
N VAL B 237 -11.57 -30.83 -6.86
CA VAL B 237 -11.11 -30.61 -5.49
C VAL B 237 -11.22 -29.14 -5.15
N ALA B 238 -10.87 -28.26 -6.09
CA ALA B 238 -11.04 -26.83 -5.85
C ALA B 238 -12.46 -26.50 -5.37
N MET B 239 -13.46 -26.94 -6.12
CA MET B 239 -14.83 -26.58 -5.79
C MET B 239 -15.24 -27.13 -4.43
N LYS B 240 -14.74 -28.31 -4.09
CA LYS B 240 -14.99 -28.86 -2.76
C LYS B 240 -14.57 -27.90 -1.66
N TYR B 241 -13.44 -27.21 -1.86
CA TYR B 241 -12.91 -26.26 -0.89
C TYR B 241 -13.34 -24.84 -1.18
N ASN B 242 -14.40 -24.66 -1.95
CA ASN B 242 -14.93 -23.34 -2.25
C ASN B 242 -13.88 -22.46 -2.90
N TYR B 243 -13.07 -23.07 -3.76
CA TYR B 243 -12.21 -22.38 -4.70
C TYR B 243 -12.86 -22.34 -6.08
N GLU B 244 -12.61 -21.25 -6.81
CA GLU B 244 -13.16 -21.17 -8.17
C GLU B 244 -12.55 -22.22 -9.09
N PRO B 245 -13.33 -22.75 -10.02
CA PRO B 245 -12.73 -23.59 -11.06
C PRO B 245 -11.71 -22.79 -11.84
N LEU B 246 -10.65 -23.46 -12.26
CA LEU B 246 -9.64 -22.82 -13.11
C LEU B 246 -10.01 -23.09 -14.56
N THR B 247 -10.15 -22.02 -15.33
CA THR B 247 -10.51 -22.10 -16.74
C THR B 247 -9.27 -22.25 -17.62
N GLN B 248 -9.49 -22.69 -18.86
CA GLN B 248 -8.33 -22.78 -19.75
C GLN B 248 -7.72 -21.39 -20.02
N ASP B 249 -8.55 -20.34 -20.05
CA ASP B 249 -7.99 -18.99 -20.19
C ASP B 249 -7.12 -18.62 -19.00
N HIS B 250 -7.46 -19.07 -17.78
CA HIS B 250 -6.59 -18.84 -16.63
C HIS B 250 -5.29 -19.64 -16.74
N VAL B 251 -5.38 -20.87 -17.23
CA VAL B 251 -4.16 -21.65 -17.45
C VAL B 251 -3.26 -20.89 -18.43
N ASP B 252 -3.86 -20.42 -19.52
CA ASP B 252 -3.11 -19.64 -20.50
C ASP B 252 -2.41 -18.45 -19.85
N ILE B 253 -3.13 -17.68 -19.04
CA ILE B 253 -2.62 -16.47 -18.40
C ILE B 253 -1.44 -16.79 -17.47
N LEU B 254 -1.37 -18.01 -16.97
CA LEU B 254 -0.27 -18.41 -16.11
C LEU B 254 0.96 -18.86 -16.88
N GLY B 255 0.90 -18.89 -18.20
CA GLY B 255 1.99 -19.37 -19.02
C GLY B 255 3.32 -18.69 -18.73
N PRO B 256 3.34 -17.35 -18.78
CA PRO B 256 4.59 -16.63 -18.45
C PRO B 256 5.21 -17.08 -17.14
N LEU B 257 4.40 -17.19 -16.08
CA LEU B 257 4.96 -17.63 -14.82
C LEU B 257 5.42 -19.09 -14.90
N SER B 258 4.66 -19.92 -15.61
CA SER B 258 5.07 -21.32 -15.75
C SER B 258 6.40 -21.42 -16.47
N ALA B 259 6.50 -20.77 -17.62
CA ALA B 259 7.75 -20.73 -18.36
C ALA B 259 8.91 -20.30 -17.45
N GLN B 260 8.74 -19.14 -16.81
CA GLN B 260 9.83 -18.55 -16.03
C GLN B 260 10.34 -19.51 -14.95
N THR B 261 9.45 -20.23 -14.27
CA THR B 261 9.87 -21.11 -13.18
C THR B 261 10.14 -22.52 -13.63
N GLY B 262 9.70 -22.90 -14.83
CA GLY B 262 9.80 -24.28 -15.25
C GLY B 262 8.88 -25.23 -14.50
N ILE B 263 7.75 -24.73 -14.01
CA ILE B 263 6.79 -25.55 -13.28
C ILE B 263 5.50 -25.49 -14.06
N ALA B 264 5.05 -26.64 -14.53
CA ALA B 264 3.83 -26.66 -15.29
C ALA B 264 2.68 -26.14 -14.45
N VAL B 265 1.75 -25.45 -15.11
CA VAL B 265 0.57 -24.97 -14.41
C VAL B 265 -0.09 -26.12 -13.66
N LEU B 266 -0.22 -27.27 -14.29
CA LEU B 266 -0.94 -28.36 -13.64
C LEU B 266 -0.13 -28.99 -12.52
N ASP B 267 1.19 -28.85 -12.57
CA ASP B 267 2.01 -29.20 -11.42
C ASP B 267 1.77 -28.23 -10.26
N MET B 268 1.70 -26.92 -10.52
CA MET B 268 1.36 -26.02 -9.43
C MET B 268 -0.04 -26.32 -8.89
N CYS B 269 -0.96 -26.74 -9.75
CA CYS B 269 -2.30 -27.15 -9.28
C CYS B 269 -2.24 -28.35 -8.36
N ALA B 270 -1.37 -29.30 -8.67
CA ALA B 270 -1.21 -30.46 -7.79
C ALA B 270 -0.66 -30.04 -6.41
N SER B 271 0.25 -29.06 -6.40
CA SER B 271 0.76 -28.55 -5.12
C SER B 271 -0.35 -27.88 -4.33
N LEU B 272 -1.16 -27.07 -5.01
CA LEU B 272 -2.25 -26.38 -4.31
C LEU B 272 -3.28 -27.37 -3.79
N LYS B 273 -3.59 -28.40 -4.57
CA LYS B 273 -4.48 -29.44 -4.08
C LYS B 273 -3.97 -30.02 -2.76
N GLU B 274 -2.67 -30.29 -2.69
CA GLU B 274 -2.09 -30.87 -1.47
C GLU B 274 -2.20 -29.90 -0.28
N LEU B 275 -2.06 -28.59 -0.55
CA LEU B 275 -2.24 -27.58 0.51
C LEU B 275 -3.67 -27.49 1.01
N LEU B 276 -4.65 -27.51 0.12
CA LEU B 276 -6.05 -27.51 0.51
C LEU B 276 -6.39 -28.72 1.38
N GLN B 277 -5.89 -29.90 0.99
CA GLN B 277 -6.29 -31.13 1.68
C GLN B 277 -5.55 -31.31 3.00
N ASN B 278 -4.33 -30.79 3.11
CA ASN B 278 -3.47 -31.03 4.27
C ASN B 278 -3.26 -29.82 5.14
N GLY B 279 -3.47 -28.62 4.61
CA GLY B 279 -3.03 -27.43 5.30
C GLY B 279 -1.56 -27.19 5.08
N MET B 280 -1.05 -26.19 5.83
CA MET B 280 0.34 -25.79 5.72
C MET B 280 1.19 -26.33 6.87
N ASN B 281 0.58 -27.06 7.81
CA ASN B 281 1.29 -27.78 8.85
C ASN B 281 2.22 -26.86 9.63
N GLY B 282 1.68 -25.71 10.04
CA GLY B 282 2.47 -24.74 10.78
C GLY B 282 3.29 -23.81 9.90
N ARG B 283 3.73 -24.31 8.75
CA ARG B 283 4.62 -23.54 7.89
C ARG B 283 3.92 -22.29 7.36
N THR B 284 4.70 -21.44 6.70
CA THR B 284 4.17 -20.24 6.06
C THR B 284 4.71 -20.15 4.65
N ILE B 285 3.99 -19.40 3.82
CA ILE B 285 4.37 -19.12 2.45
C ILE B 285 4.43 -17.60 2.29
N LEU B 286 5.58 -17.08 1.86
CA LEU B 286 5.79 -15.64 1.73
C LEU B 286 5.35 -14.89 3.00
N GLY B 287 5.56 -15.52 4.17
CA GLY B 287 5.25 -14.88 5.43
C GLY B 287 3.84 -15.13 5.94
N SER B 288 2.97 -15.73 5.11
CA SER B 288 1.56 -15.89 5.40
C SER B 288 1.25 -17.31 5.88
N ALA B 289 0.43 -17.40 6.92
CA ALA B 289 -0.22 -18.63 7.32
C ALA B 289 -1.42 -18.98 6.44
N LEU B 290 -1.78 -18.13 5.50
CA LEU B 290 -2.98 -18.30 4.71
C LEU B 290 -2.61 -18.20 3.24
N LEU B 291 -3.33 -18.93 2.39
CA LEU B 291 -3.12 -18.79 0.97
C LEU B 291 -3.75 -17.48 0.51
N GLU B 292 -2.98 -16.69 -0.22
CA GLU B 292 -3.43 -15.36 -0.65
C GLU B 292 -3.95 -15.37 -2.08
N ASP B 293 -5.08 -14.70 -2.31
CA ASP B 293 -5.74 -14.76 -3.61
C ASP B 293 -6.03 -13.38 -4.19
N GLU B 294 -5.32 -12.32 -3.76
CA GLU B 294 -5.55 -11.00 -4.33
C GLU B 294 -4.37 -10.47 -5.11
N PHE B 295 -3.50 -11.35 -5.61
CA PHE B 295 -2.54 -11.00 -6.65
C PHE B 295 -2.94 -11.70 -7.94
N THR B 296 -3.08 -10.94 -8.98
CA THR B 296 -3.35 -11.52 -10.28
C THR B 296 -2.06 -12.01 -10.91
N PRO B 297 -2.16 -12.83 -11.95
CA PRO B 297 -0.95 -13.14 -12.73
C PRO B 297 -0.21 -11.88 -13.16
N PHE B 298 -0.91 -10.89 -13.74
CA PHE B 298 -0.26 -9.64 -14.13
C PHE B 298 0.42 -8.97 -12.93
N ASP B 299 -0.26 -8.91 -11.79
CA ASP B 299 0.32 -8.29 -10.60
C ASP B 299 1.65 -8.93 -10.23
N VAL B 300 1.79 -10.25 -10.44
CA VAL B 300 3.02 -10.95 -10.06
C VAL B 300 4.12 -10.68 -11.07
N VAL B 301 3.79 -10.81 -12.36
CA VAL B 301 4.77 -10.57 -13.42
C VAL B 301 5.39 -9.19 -13.28
N ARG B 302 4.55 -8.15 -13.18
CA ARG B 302 5.05 -6.78 -13.13
C ARG B 302 6.15 -6.61 -12.10
N GLN B 303 6.12 -7.41 -11.04
CA GLN B 303 7.02 -7.28 -9.92
C GLN B 303 8.12 -8.33 -9.88
N CYS B 304 8.08 -9.33 -10.76
CA CYS B 304 9.02 -10.44 -10.71
C CYS B 304 9.74 -10.64 -12.05
#